data_6IU0
#
_entry.id   6IU0
#
_cell.length_a   141.307
_cell.length_b   141.307
_cell.length_c   48.531
_cell.angle_alpha   90.00
_cell.angle_beta   90.00
_cell.angle_gamma   120.00
#
_symmetry.space_group_name_H-M   'P 6'
#
loop_
_entity.id
_entity.type
_entity.pdbx_description
1 polymer Peroxiredoxin
2 water water
#
_entity_poly.entity_id   1
_entity_poly.type   'polypeptide(L)'
_entity_poly.pdbx_seq_one_letter_code
;MVVIGEKFPEVEVKTTHGVIKLPDYFAEQGKWFVLFSHPADFTPVSTTEFYAMQKRVDQFRELGVEPIGLSVDQVFSHIK
WMEWIKENLGEEITFPVIADDRGELADKLGMIPSGATITARAVFIVDDKGIIRAIVYYPAEVGRDWDEILRLVKALKVSD
EKGVALPHKWPNNELIGDKAIVPPASTVDEVKQREEAKAKGEIESYDWWFSYKKLE
;
_entity_poly.pdbx_strand_id   A,B
#
# COMPACT_ATOMS: atom_id res chain seq x y z
N MET A 1 0.96 -12.08 -12.79
CA MET A 1 1.39 -12.04 -11.34
C MET A 1 2.90 -11.86 -11.23
N VAL A 2 3.30 -11.24 -10.12
CA VAL A 2 4.69 -10.81 -9.90
C VAL A 2 5.02 -10.72 -8.40
N VAL A 3 6.31 -10.63 -8.10
CA VAL A 3 6.71 -10.33 -6.75
C VAL A 3 7.80 -9.29 -6.69
N ILE A 4 7.84 -8.63 -5.53
CA ILE A 4 8.93 -7.77 -5.13
C ILE A 4 10.27 -8.46 -5.39
N GLY A 5 11.20 -7.75 -6.02
CA GLY A 5 12.50 -8.34 -6.31
C GLY A 5 12.65 -8.81 -7.75
N GLU A 6 11.55 -9.17 -8.41
CA GLU A 6 11.57 -9.48 -9.85
C GLU A 6 11.91 -8.26 -10.70
N LYS A 7 12.42 -8.49 -11.91
CA LYS A 7 12.56 -7.40 -12.85
C LYS A 7 11.20 -7.14 -13.48
N PHE A 8 10.83 -5.85 -13.68
CA PHE A 8 9.67 -5.46 -14.47
C PHE A 8 9.73 -6.11 -15.87
N PRO A 9 8.62 -6.75 -16.30
CA PRO A 9 8.58 -7.42 -17.61
C PRO A 9 8.92 -6.43 -18.71
N GLU A 10 9.78 -6.77 -19.66
CA GLU A 10 10.10 -5.85 -20.79
C GLU A 10 8.89 -5.78 -21.67
N VAL A 11 8.43 -4.60 -22.02
CA VAL A 11 7.15 -4.44 -22.72
C VAL A 11 7.20 -3.13 -23.46
N GLU A 12 6.55 -3.09 -24.61
CA GLU A 12 6.31 -1.84 -25.30
C GLU A 12 4.92 -1.34 -24.95
N VAL A 13 4.79 -0.05 -24.70
CA VAL A 13 3.50 0.47 -24.38
C VAL A 13 3.14 1.71 -25.18
N LYS A 14 1.89 1.78 -25.63
CA LYS A 14 1.45 3.02 -26.24
C LYS A 14 0.97 3.96 -25.10
N THR A 15 1.59 5.16 -25.03
CA THR A 15 1.19 6.20 -24.09
C THR A 15 0.79 7.51 -24.77
N THR A 16 0.37 8.48 -23.95
CA THR A 16 0.03 9.84 -24.38
C THR A 16 1.26 10.69 -24.81
N HIS A 17 2.47 10.15 -24.57
CA HIS A 17 3.68 10.86 -24.88
C HIS A 17 4.42 10.01 -25.90
N GLY A 18 3.71 9.00 -26.39
CA GLY A 18 4.14 8.19 -27.52
C GLY A 18 4.43 6.80 -27.00
N VAL A 19 4.95 5.96 -27.89
CA VAL A 19 5.29 4.58 -27.61
C VAL A 19 6.64 4.47 -26.90
N ILE A 20 6.67 3.84 -25.75
CA ILE A 20 7.92 3.69 -25.05
C ILE A 20 8.06 2.26 -24.60
N LYS A 21 9.31 1.87 -24.32
CA LYS A 21 9.66 0.55 -23.78
C LYS A 21 9.86 0.61 -22.26
N LEU A 22 9.31 -0.35 -21.53
CA LEU A 22 9.55 -0.40 -20.10
C LEU A 22 10.31 -1.69 -19.82
N PRO A 23 11.22 -1.68 -18.83
CA PRO A 23 11.61 -0.57 -17.96
C PRO A 23 12.51 0.44 -18.65
N ASP A 24 13.14 0.01 -19.74
CA ASP A 24 14.34 0.63 -20.32
C ASP A 24 14.31 2.13 -20.44
N TYR A 25 13.24 2.67 -21.00
CA TYR A 25 13.10 4.12 -21.21
C TYR A 25 13.35 5.00 -19.95
N PHE A 26 12.91 4.56 -18.78
CA PHE A 26 13.27 5.20 -17.53
C PHE A 26 14.63 4.71 -17.01
N ALA A 27 14.86 3.41 -16.92
CA ALA A 27 16.11 2.86 -16.42
C ALA A 27 17.39 3.43 -17.12
N GLU A 28 17.38 3.47 -18.45
CA GLU A 28 18.53 3.97 -19.21
C GLU A 28 18.90 5.41 -18.87
N GLN A 29 17.98 6.19 -18.30
CA GLN A 29 18.34 7.54 -17.85
C GLN A 29 18.57 7.57 -16.33
N GLY A 30 18.73 6.41 -15.74
CA GLY A 30 18.83 6.36 -14.29
C GLY A 30 17.61 6.80 -13.51
N LYS A 31 16.46 6.85 -14.15
CA LYS A 31 15.28 7.29 -13.44
C LYS A 31 14.42 6.13 -12.90
N TRP A 32 13.80 6.28 -11.75
CA TRP A 32 12.86 5.23 -11.28
C TRP A 32 11.49 5.50 -11.84
N PHE A 33 10.58 4.55 -11.74
CA PHE A 33 9.17 4.99 -11.99
C PHE A 33 8.13 4.44 -11.03
N VAL A 34 7.06 5.23 -10.86
CA VAL A 34 5.88 4.71 -10.14
C VAL A 34 4.78 4.50 -11.14
N LEU A 35 4.50 3.21 -11.38
CA LEU A 35 3.39 2.80 -12.26
C LEU A 35 2.07 2.63 -11.45
N PHE A 36 1.05 3.34 -11.88
CA PHE A 36 -0.22 3.25 -11.15
C PHE A 36 -1.34 3.12 -12.16
N SER A 37 -2.24 2.19 -11.88
CA SER A 37 -3.40 1.98 -12.72
C SER A 37 -4.62 2.56 -12.04
N HIS A 38 -5.65 2.81 -12.85
CA HIS A 38 -6.95 3.20 -12.39
C HIS A 38 -8.00 2.53 -13.36
N PRO A 39 -9.28 2.32 -12.91
CA PRO A 39 -10.33 1.63 -13.70
C PRO A 39 -10.72 2.28 -15.04
N ALA A 40 -11.10 3.55 -15.04
CA ALA A 40 -11.44 4.20 -16.28
C ALA A 40 -11.32 5.73 -16.31
N ASP A 41 -11.07 6.24 -17.52
CA ASP A 41 -11.24 7.60 -17.86
C ASP A 41 -12.66 8.07 -17.55
N PHE A 42 -12.76 9.36 -17.19
CA PHE A 42 -14.00 10.00 -16.86
C PHE A 42 -14.65 9.25 -15.73
N THR A 43 -13.81 8.81 -14.78
CA THR A 43 -14.37 8.35 -13.50
C THR A 43 -13.85 9.21 -12.34
N PRO A 44 -14.67 9.35 -11.28
CA PRO A 44 -14.47 10.37 -10.22
C PRO A 44 -13.32 10.21 -9.20
N VAL A 45 -13.13 9.03 -8.62
CA VAL A 45 -12.07 8.86 -7.67
C VAL A 45 -10.70 9.07 -8.42
N SER A 46 -10.66 8.69 -9.69
CA SER A 46 -9.43 8.64 -10.49
C SER A 46 -9.05 10.10 -10.76
N THR A 47 -10.07 10.91 -11.06
CA THR A 47 -9.84 12.30 -11.37
C THR A 47 -9.20 12.94 -10.12
N THR A 48 -9.77 12.67 -8.95
CA THR A 48 -9.17 13.18 -7.74
C THR A 48 -7.73 12.63 -7.58
N GLU A 49 -7.50 11.40 -8.01
CA GLU A 49 -6.18 10.82 -7.84
C GLU A 49 -5.12 11.42 -8.85
N PHE A 50 -5.55 11.71 -10.07
CA PHE A 50 -4.72 12.29 -11.09
C PHE A 50 -4.35 13.71 -10.76
N TYR A 51 -5.37 14.52 -10.49
CA TYR A 51 -5.18 15.87 -9.99
C TYR A 51 -4.23 15.88 -8.77
N ALA A 52 -4.27 14.89 -7.90
CA ALA A 52 -3.40 14.94 -6.74
C ALA A 52 -1.97 14.58 -7.15
N MET A 53 -1.88 13.81 -8.23
CA MET A 53 -0.61 13.31 -8.66
C MET A 53 0.13 14.39 -9.44
N GLN A 54 -0.60 15.11 -10.28
CA GLN A 54 0.00 16.22 -11.00
C GLN A 54 0.46 17.28 -9.99
N LYS A 55 -0.37 17.59 -8.99
CA LYS A 55 0.04 18.58 -7.96
C LYS A 55 1.30 18.10 -7.22
N ARG A 56 1.73 16.86 -7.43
CA ARG A 56 2.84 16.29 -6.69
C ARG A 56 4.00 15.88 -7.61
N VAL A 57 3.83 16.07 -8.92
CA VAL A 57 4.67 15.39 -9.88
C VAL A 57 6.13 15.83 -9.70
N ASP A 58 6.34 17.09 -9.32
CA ASP A 58 7.70 17.63 -9.29
C ASP A 58 8.43 17.16 -8.09
N GLN A 59 7.66 16.83 -7.07
CA GLN A 59 8.25 16.16 -5.91
C GLN A 59 8.75 14.77 -6.27
N PHE A 60 8.07 14.09 -7.19
CA PHE A 60 8.54 12.82 -7.59
C PHE A 60 9.75 13.04 -8.50
N ARG A 61 9.62 13.95 -9.44
CA ARG A 61 10.65 14.15 -10.47
C ARG A 61 12.01 14.55 -9.85
N GLU A 62 11.95 15.51 -8.94
CA GLU A 62 13.09 15.98 -8.13
C GLU A 62 13.93 14.81 -7.61
N LEU A 63 13.25 13.79 -7.09
CA LEU A 63 13.90 12.56 -6.60
C LEU A 63 14.40 11.59 -7.70
N GLY A 64 14.23 11.96 -8.97
CA GLY A 64 14.56 11.06 -10.08
C GLY A 64 13.49 9.95 -10.17
N VAL A 65 12.24 10.30 -9.82
CA VAL A 65 11.13 9.31 -9.90
C VAL A 65 10.04 9.80 -10.81
N GLU A 66 9.76 9.09 -11.90
CA GLU A 66 8.75 9.55 -12.90
C GLU A 66 7.36 8.89 -12.72
N PRO A 67 6.31 9.66 -12.42
CA PRO A 67 4.97 9.00 -12.34
C PRO A 67 4.42 8.53 -13.72
N ILE A 68 3.66 7.42 -13.75
CA ILE A 68 3.05 6.95 -15.04
C ILE A 68 1.78 6.07 -14.83
N GLY A 69 0.71 6.49 -15.48
CA GLY A 69 -0.62 5.95 -15.25
C GLY A 69 -0.88 4.83 -16.23
N LEU A 70 -1.92 4.07 -15.95
CA LEU A 70 -2.43 3.10 -16.89
C LEU A 70 -3.95 2.88 -16.68
N SER A 71 -4.69 2.78 -17.79
CA SER A 71 -5.98 2.14 -17.77
C SER A 71 -6.15 1.47 -19.12
N VAL A 72 -7.16 0.59 -19.21
CA VAL A 72 -7.59 -0.01 -20.47
C VAL A 72 -8.58 1.00 -21.05
N ASP A 73 -8.07 1.89 -21.88
CA ASP A 73 -8.87 2.86 -22.58
C ASP A 73 -7.90 3.24 -23.61
N GLN A 74 -8.43 3.80 -24.66
CA GLN A 74 -7.62 4.23 -25.75
C GLN A 74 -7.08 5.61 -25.49
N VAL A 75 -5.99 5.98 -26.22
CA VAL A 75 -5.25 7.18 -25.97
C VAL A 75 -6.16 8.37 -26.21
N PHE A 76 -7.06 8.32 -27.18
CA PHE A 76 -7.93 9.51 -27.37
C PHE A 76 -8.76 9.81 -26.12
N SER A 77 -9.15 8.80 -25.33
CA SER A 77 -9.92 9.13 -24.12
C SER A 77 -8.99 9.70 -23.07
N HIS A 78 -7.88 9.00 -22.85
CA HIS A 78 -6.81 9.55 -21.98
C HIS A 78 -6.62 11.04 -22.24
N ILE A 79 -6.46 11.42 -23.51
CA ILE A 79 -6.20 12.81 -23.70
C ILE A 79 -7.40 13.69 -23.51
N LYS A 80 -8.53 13.27 -24.00
CA LYS A 80 -9.75 14.04 -23.67
C LYS A 80 -10.01 14.15 -22.17
N TRP A 81 -9.75 13.11 -21.41
CA TRP A 81 -9.97 13.23 -19.96
C TRP A 81 -8.93 14.13 -19.21
N MET A 82 -7.68 14.10 -19.67
CA MET A 82 -6.65 15.09 -19.22
C MET A 82 -7.06 16.52 -19.51
N GLU A 83 -7.53 16.77 -20.73
CA GLU A 83 -8.10 18.09 -21.04
C GLU A 83 -9.24 18.47 -20.07
N TRP A 84 -10.11 17.54 -19.71
CA TRP A 84 -11.15 17.93 -18.77
C TRP A 84 -10.57 18.39 -17.42
N ILE A 85 -9.57 17.69 -16.94
CA ILE A 85 -8.94 18.11 -15.71
C ILE A 85 -8.29 19.48 -15.84
N LYS A 86 -7.65 19.75 -16.99
CA LYS A 86 -6.95 21.02 -17.19
C LYS A 86 -8.02 22.13 -17.16
N GLU A 87 -9.11 21.91 -17.88
CA GLU A 87 -10.15 22.92 -17.99
C GLU A 87 -11.01 23.08 -16.71
N ASN A 88 -11.20 22.03 -15.91
CA ASN A 88 -12.07 22.20 -14.73
C ASN A 88 -11.42 22.31 -13.35
N LEU A 89 -10.13 21.99 -13.27
CA LEU A 89 -9.39 22.08 -12.02
C LEU A 89 -8.09 22.86 -12.30
N GLY A 90 -7.92 23.27 -13.56
CA GLY A 90 -6.80 24.13 -13.98
C GLY A 90 -5.44 23.54 -13.65
N GLU A 91 -5.26 22.25 -13.96
CA GLU A 91 -4.06 21.49 -13.68
C GLU A 91 -3.83 20.65 -14.95
N GLU A 92 -2.79 20.99 -15.73
CA GLU A 92 -2.42 20.24 -16.93
C GLU A 92 -1.73 18.99 -16.49
N ILE A 93 -2.05 17.85 -17.10
CA ILE A 93 -1.42 16.58 -16.77
C ILE A 93 -0.13 16.42 -17.57
N THR A 94 0.97 16.20 -16.89
CA THR A 94 2.25 16.15 -17.60
C THR A 94 3.00 14.85 -17.36
N PHE A 95 2.37 13.89 -16.67
CA PHE A 95 2.97 12.56 -16.64
C PHE A 95 2.33 11.77 -17.79
N PRO A 96 3.03 10.76 -18.34
CA PRO A 96 2.38 9.99 -19.41
C PRO A 96 1.43 8.92 -18.87
N VAL A 97 0.53 8.48 -19.74
CA VAL A 97 -0.47 7.47 -19.37
C VAL A 97 -0.63 6.42 -20.47
N ILE A 98 -0.51 5.16 -20.03
CA ILE A 98 -0.59 3.96 -20.85
C ILE A 98 -2.02 3.57 -21.23
N ALA A 99 -2.21 3.37 -22.53
CA ALA A 99 -3.39 2.81 -23.08
C ALA A 99 -3.14 1.30 -23.20
N ASP A 100 -3.40 0.59 -22.11
CA ASP A 100 -3.17 -0.82 -22.07
C ASP A 100 -4.36 -1.52 -22.73
N ASP A 101 -4.22 -1.75 -24.02
CA ASP A 101 -5.23 -2.51 -24.72
C ASP A 101 -5.46 -3.95 -24.24
N ARG A 102 -6.73 -4.24 -23.96
CA ARG A 102 -7.18 -5.59 -23.61
C ARG A 102 -6.53 -6.06 -22.31
N GLY A 103 -6.21 -5.13 -21.42
CA GLY A 103 -5.50 -5.45 -20.17
C GLY A 103 -4.27 -6.32 -20.29
N GLU A 104 -3.58 -6.27 -21.43
CA GLU A 104 -2.35 -7.04 -21.64
C GLU A 104 -1.30 -6.84 -20.56
N LEU A 105 -0.91 -5.60 -20.34
CA LEU A 105 0.06 -5.33 -19.27
C LEU A 105 -0.53 -5.49 -17.88
N ALA A 106 -1.79 -5.06 -17.72
CA ALA A 106 -2.57 -5.25 -16.48
C ALA A 106 -2.51 -6.67 -16.00
N ASP A 107 -2.72 -7.62 -16.91
CA ASP A 107 -2.68 -9.06 -16.61
C ASP A 107 -1.37 -9.69 -16.22
N LYS A 108 -0.32 -9.45 -17.03
CA LYS A 108 1.05 -9.80 -16.62
C LYS A 108 1.33 -9.38 -15.18
N LEU A 109 0.79 -8.22 -14.77
CA LEU A 109 1.10 -7.60 -13.49
C LEU A 109 0.01 -7.80 -12.39
N GLY A 110 -1.06 -8.54 -12.63
CA GLY A 110 -1.96 -8.88 -11.53
C GLY A 110 -2.87 -7.75 -11.09
N MET A 111 -3.02 -6.74 -11.95
CA MET A 111 -3.79 -5.54 -11.64
C MET A 111 -5.35 -5.71 -11.67
N ILE A 112 -5.81 -6.81 -12.21
CA ILE A 112 -7.24 -6.92 -12.47
C ILE A 112 -7.86 -7.70 -11.36
N PRO A 113 -8.74 -7.06 -10.57
CA PRO A 113 -9.43 -7.86 -9.49
C PRO A 113 -10.19 -9.10 -9.98
N SER A 114 -10.45 -10.03 -9.07
CA SER A 114 -11.41 -11.18 -9.26
C SER A 114 -12.67 -10.82 -10.03
N GLY A 115 -12.94 -11.57 -11.09
CA GLY A 115 -14.11 -11.39 -11.93
C GLY A 115 -14.14 -10.23 -12.89
N ALA A 116 -13.12 -9.35 -12.88
CA ALA A 116 -13.20 -8.11 -13.72
C ALA A 116 -12.38 -8.23 -14.97
N THR A 117 -12.48 -7.23 -15.85
CA THR A 117 -11.71 -7.16 -17.12
C THR A 117 -10.95 -5.81 -17.26
N ILE A 118 -11.12 -4.95 -16.25
CA ILE A 118 -10.69 -3.56 -16.14
C ILE A 118 -9.71 -3.61 -14.92
N THR A 119 -8.96 -2.56 -14.61
CA THR A 119 -8.01 -2.64 -13.45
C THR A 119 -8.68 -1.96 -12.32
N ALA A 120 -8.30 -2.28 -11.09
CA ALA A 120 -8.52 -1.38 -9.92
C ALA A 120 -7.35 -0.34 -9.77
N ARG A 121 -6.86 -0.13 -8.54
CA ARG A 121 -5.88 0.93 -8.24
C ARG A 121 -4.63 0.34 -7.70
N ALA A 122 -3.69 0.18 -8.62
CA ALA A 122 -2.45 -0.43 -8.31
C ALA A 122 -1.21 0.45 -8.59
N VAL A 123 -0.20 0.16 -7.78
CA VAL A 123 0.97 0.94 -7.67
C VAL A 123 2.11 -0.04 -7.57
N PHE A 124 3.10 0.17 -8.47
CA PHE A 124 4.41 -0.51 -8.53
C PHE A 124 5.52 0.55 -8.56
N ILE A 125 6.49 0.32 -7.70
CA ILE A 125 7.68 1.15 -7.63
C ILE A 125 8.75 0.39 -8.34
N VAL A 126 9.17 0.88 -9.46
CA VAL A 126 10.25 0.13 -10.15
C VAL A 126 11.51 0.93 -10.12
N ASP A 127 12.61 0.38 -9.60
CA ASP A 127 13.87 1.23 -9.64
C ASP A 127 14.52 1.34 -10.99
N ASP A 128 15.67 2.00 -11.05
CA ASP A 128 16.42 2.18 -12.33
C ASP A 128 17.27 1.00 -12.75
N LYS A 129 17.29 -0.05 -11.93
CA LYS A 129 17.74 -1.34 -12.41
C LYS A 129 16.53 -2.13 -12.92
N GLY A 130 15.37 -1.50 -12.98
CA GLY A 130 14.17 -2.20 -13.40
C GLY A 130 13.61 -3.18 -12.37
N ILE A 131 14.05 -3.10 -11.11
CA ILE A 131 13.56 -4.01 -10.09
C ILE A 131 12.30 -3.41 -9.46
N ILE A 132 11.25 -4.24 -9.32
CA ILE A 132 10.03 -3.89 -8.56
C ILE A 132 10.38 -3.94 -7.09
N ARG A 133 10.28 -2.79 -6.45
CA ARG A 133 10.66 -2.62 -5.03
C ARG A 133 9.46 -2.65 -4.03
N ALA A 134 8.22 -2.51 -4.52
CA ALA A 134 7.08 -2.40 -3.64
C ALA A 134 5.83 -2.40 -4.49
N ILE A 135 4.71 -2.91 -3.95
CA ILE A 135 3.47 -3.04 -4.72
C ILE A 135 2.28 -2.77 -3.81
N VAL A 136 1.33 -2.01 -4.38
CA VAL A 136 0.06 -1.70 -3.75
C VAL A 136 -1.10 -2.02 -4.66
N TYR A 137 -2.08 -2.73 -4.09
CA TYR A 137 -3.31 -3.04 -4.78
C TYR A 137 -4.42 -2.62 -3.91
N TYR A 138 -5.06 -1.51 -4.34
CA TYR A 138 -6.24 -0.87 -3.79
C TYR A 138 -7.34 -1.09 -4.77
N PRO A 139 -8.59 -1.29 -4.22
CA PRO A 139 -9.87 -1.48 -4.95
C PRO A 139 -10.37 -0.23 -5.60
N ALA A 140 -11.28 -0.35 -6.59
CA ALA A 140 -11.95 0.78 -7.21
C ALA A 140 -12.54 1.80 -6.27
N GLU A 141 -13.06 1.31 -5.15
CA GLU A 141 -13.96 2.09 -4.29
C GLU A 141 -13.12 2.89 -3.29
N VAL A 142 -11.81 2.61 -3.20
CA VAL A 142 -10.97 3.47 -2.34
C VAL A 142 -9.75 4.15 -3.01
N GLY A 143 -9.78 5.49 -2.96
CA GLY A 143 -8.70 6.30 -3.57
C GLY A 143 -7.42 6.22 -2.77
N ARG A 144 -6.28 6.42 -3.46
CA ARG A 144 -4.95 6.30 -2.83
C ARG A 144 -4.53 7.53 -1.96
N ASP A 145 -3.52 7.40 -1.14
CA ASP A 145 -2.92 8.60 -0.59
C ASP A 145 -1.48 8.75 -1.20
N TRP A 146 -1.37 9.55 -2.22
CA TRP A 146 -0.04 9.72 -2.83
C TRP A 146 1.10 10.11 -1.88
N ASP A 147 0.80 10.81 -0.79
CA ASP A 147 1.83 11.10 0.20
C ASP A 147 2.46 9.82 0.80
N GLU A 148 1.69 8.76 1.01
CA GLU A 148 2.34 7.52 1.48
C GLU A 148 3.43 6.97 0.50
N ILE A 149 3.18 7.19 -0.79
CA ILE A 149 4.01 6.64 -1.84
C ILE A 149 5.28 7.51 -2.00
N LEU A 150 5.07 8.80 -1.90
CA LEU A 150 6.11 9.78 -1.87
C LEU A 150 7.03 9.42 -0.70
N ARG A 151 6.42 9.12 0.45
CA ARG A 151 7.21 8.73 1.65
C ARG A 151 7.98 7.42 1.39
N LEU A 152 7.26 6.47 0.82
CA LEU A 152 7.81 5.17 0.45
C LEU A 152 9.01 5.29 -0.49
N VAL A 153 8.89 6.02 -1.59
CA VAL A 153 10.01 6.11 -2.54
C VAL A 153 11.20 6.79 -1.88
N LYS A 154 10.94 7.84 -1.10
CA LYS A 154 11.94 8.59 -0.39
C LYS A 154 12.71 7.66 0.52
N ALA A 155 11.97 6.87 1.30
CA ALA A 155 12.59 5.87 2.18
C ALA A 155 13.39 4.86 1.38
N LEU A 156 12.91 4.52 0.19
CA LEU A 156 13.57 3.51 -0.63
C LEU A 156 14.94 4.09 -1.16
N LYS A 157 14.92 5.32 -1.63
CA LYS A 157 16.12 5.99 -2.16
C LYS A 157 17.18 6.03 -1.07
N VAL A 158 16.76 6.43 0.14
CA VAL A 158 17.65 6.56 1.31
C VAL A 158 18.13 5.18 1.74
N SER A 159 17.24 4.20 1.73
CA SER A 159 17.72 2.86 2.03
C SER A 159 18.91 2.52 1.14
N ASP A 160 18.74 2.78 -0.14
CA ASP A 160 19.72 2.44 -1.17
C ASP A 160 21.04 3.22 -1.03
N GLU A 161 20.93 4.54 -0.94
CA GLU A 161 22.09 5.39 -0.91
C GLU A 161 22.91 5.23 0.38
N LYS A 162 22.26 4.97 1.54
CA LYS A 162 23.01 4.87 2.82
C LYS A 162 23.14 3.50 3.47
N GLY A 163 22.66 2.48 2.79
CA GLY A 163 22.67 1.15 3.39
C GLY A 163 21.91 1.04 4.71
N VAL A 164 20.69 1.59 4.76
CA VAL A 164 19.89 1.54 6.01
C VAL A 164 18.42 1.06 5.82
N ALA A 165 17.74 0.68 6.90
CA ALA A 165 16.25 0.34 6.88
C ALA A 165 15.52 1.48 7.56
N LEU A 166 14.36 1.89 7.06
CA LEU A 166 13.64 3.01 7.67
C LEU A 166 12.52 2.52 8.64
N PRO A 167 12.28 3.22 9.77
CA PRO A 167 11.22 2.59 10.68
C PRO A 167 9.80 2.98 10.35
N HIS A 168 8.85 2.40 11.11
CA HIS A 168 7.46 2.66 10.93
C HIS A 168 7.22 4.13 10.84
N LYS A 169 6.64 4.57 9.74
CA LYS A 169 6.26 5.99 9.57
C LYS A 169 7.42 7.03 9.35
N TRP A 170 8.68 6.56 9.28
CA TRP A 170 9.80 7.50 8.97
C TRP A 170 9.37 8.51 7.94
N PRO A 171 9.63 9.82 8.13
CA PRO A 171 10.56 10.54 9.05
C PRO A 171 9.97 11.03 10.33
N ASN A 172 8.74 10.55 10.65
CA ASN A 172 8.08 10.81 11.92
C ASN A 172 7.89 9.54 12.72
N ASN A 173 8.94 8.76 12.85
CA ASN A 173 8.72 7.61 13.65
C ASN A 173 8.44 7.97 15.12
N GLU A 174 7.47 7.28 15.75
CA GLU A 174 7.09 7.55 17.15
C GLU A 174 8.31 7.53 18.06
N LEU A 175 9.16 6.52 17.90
CA LEU A 175 10.28 6.31 18.79
C LEU A 175 11.56 7.02 18.38
N ILE A 176 11.86 7.18 17.10
CA ILE A 176 13.18 7.72 16.73
C ILE A 176 13.16 8.77 15.66
N GLY A 177 11.98 9.30 15.34
CA GLY A 177 11.77 10.33 14.38
C GLY A 177 12.32 10.08 12.98
N ASP A 178 13.30 10.86 12.59
CA ASP A 178 13.88 10.71 11.25
C ASP A 178 15.21 10.01 11.25
N LYS A 179 15.59 9.42 12.36
CA LYS A 179 16.72 8.50 12.37
C LYS A 179 16.37 7.21 11.65
N ALA A 180 17.40 6.56 11.12
CA ALA A 180 17.32 5.41 10.23
C ALA A 180 17.78 4.21 11.03
N ILE A 181 17.42 3.00 10.60
CA ILE A 181 17.80 1.77 11.33
C ILE A 181 18.99 1.09 10.68
N VAL A 182 19.93 0.62 11.49
CA VAL A 182 21.04 -0.22 11.03
C VAL A 182 20.58 -1.70 10.87
N PRO A 183 20.98 -2.37 9.76
CA PRO A 183 20.52 -3.73 9.53
C PRO A 183 20.92 -4.56 10.74
N PRO A 184 20.00 -5.35 11.31
CA PRO A 184 20.38 -6.09 12.52
C PRO A 184 21.55 -7.01 12.28
N ALA A 185 22.49 -7.03 13.23
CA ALA A 185 23.57 -8.02 13.25
C ALA A 185 23.02 -9.42 13.14
N SER A 186 23.59 -10.24 12.26
CA SER A 186 23.08 -11.58 12.00
C SER A 186 24.06 -12.69 12.38
N THR A 187 25.11 -12.31 13.10
CA THR A 187 26.21 -13.21 13.44
C THR A 187 26.75 -12.61 14.70
N VAL A 188 27.47 -13.42 15.47
CA VAL A 188 28.21 -13.02 16.68
C VAL A 188 29.29 -11.96 16.41
N ASP A 189 30.02 -12.12 15.31
CA ASP A 189 30.95 -11.11 14.81
C ASP A 189 30.26 -9.72 14.60
N GLU A 190 29.16 -9.70 13.84
CA GLU A 190 28.44 -8.43 13.63
C GLU A 190 27.90 -7.86 14.96
N VAL A 191 27.66 -8.69 15.97
CA VAL A 191 27.26 -8.15 17.29
C VAL A 191 28.42 -7.40 17.95
N LYS A 192 29.64 -7.93 17.75
CA LYS A 192 30.87 -7.27 18.24
C LYS A 192 30.99 -5.88 17.66
N GLN A 193 30.86 -5.79 16.34
CA GLN A 193 30.87 -4.50 15.64
C GLN A 193 29.87 -3.49 16.23
N ARG A 194 28.64 -3.91 16.54
CA ARG A 194 27.59 -3.00 17.04
C ARG A 194 27.99 -2.42 18.38
N GLU A 195 28.38 -3.31 19.28
CA GLU A 195 28.90 -3.01 20.59
C GLU A 195 29.98 -1.92 20.51
N GLU A 196 30.92 -2.10 19.59
CA GLU A 196 31.98 -1.11 19.38
C GLU A 196 31.45 0.18 18.86
N ALA A 197 30.57 0.13 17.86
CA ALA A 197 30.10 1.36 17.27
C ALA A 197 29.34 2.17 18.32
N LYS A 198 28.67 1.47 19.26
CA LYS A 198 27.94 2.14 20.33
C LYS A 198 28.91 2.75 21.34
N ALA A 199 29.82 1.94 21.86
CA ALA A 199 30.81 2.42 22.82
C ALA A 199 31.87 3.32 22.16
N LYS A 200 31.52 4.00 21.06
CA LYS A 200 32.28 5.15 20.62
C LYS A 200 31.42 6.22 19.95
N GLY A 201 30.10 6.17 20.24
CA GLY A 201 29.15 7.22 19.88
C GLY A 201 28.74 7.31 18.43
N GLU A 202 28.91 6.22 17.66
CA GLU A 202 28.56 6.20 16.21
C GLU A 202 27.12 5.78 15.86
N ILE A 203 26.51 5.00 16.75
CA ILE A 203 25.11 4.60 16.69
C ILE A 203 24.51 4.64 18.08
N GLU A 204 23.20 4.76 18.12
CA GLU A 204 22.44 4.59 19.36
C GLU A 204 21.83 3.23 19.25
N SER A 205 21.24 2.73 20.32
CA SER A 205 20.75 1.39 20.34
C SER A 205 19.83 1.08 21.53
N TYR A 206 18.78 0.28 21.34
CA TYR A 206 18.08 -0.30 22.50
C TYR A 206 18.65 -1.68 22.75
N ASP A 207 19.42 -2.18 21.78
CA ASP A 207 19.94 -3.55 21.84
C ASP A 207 20.82 -3.82 20.62
N TRP A 208 21.57 -4.92 20.61
CA TRP A 208 22.53 -5.21 19.52
C TRP A 208 21.84 -5.39 18.17
N TRP A 209 20.58 -5.84 18.21
CA TRP A 209 19.83 -6.07 16.98
C TRP A 209 19.03 -4.87 16.56
N PHE A 210 18.92 -3.90 17.46
CA PHE A 210 18.10 -2.70 17.25
C PHE A 210 18.99 -1.42 17.36
N SER A 211 19.76 -1.16 16.32
CA SER A 211 20.60 0.02 16.27
C SER A 211 20.16 1.03 15.22
N TYR A 212 20.30 2.32 15.57
CA TYR A 212 19.91 3.43 14.72
C TYR A 212 20.87 4.63 14.80
N LYS A 213 20.71 5.60 13.90
CA LYS A 213 21.57 6.77 13.84
C LYS A 213 20.98 7.92 13.03
N LYS A 214 21.44 9.15 13.29
CA LYS A 214 21.03 10.30 12.45
C LYS A 214 21.66 10.10 11.09
N LEU A 215 21.03 10.67 10.09
CA LEU A 215 21.40 10.38 8.71
C LEU A 215 22.65 11.17 8.28
N MET B 1 -0.34 -17.35 -5.32
CA MET B 1 -0.70 -15.94 -4.95
C MET B 1 -2.22 -15.72 -4.74
N VAL B 2 -2.61 -14.45 -4.68
CA VAL B 2 -4.02 -14.02 -4.60
C VAL B 2 -4.25 -12.66 -5.28
N VAL B 3 -5.50 -12.37 -5.65
CA VAL B 3 -5.89 -11.06 -6.18
C VAL B 3 -7.05 -10.52 -5.34
N ILE B 4 -7.22 -9.20 -5.36
CA ILE B 4 -8.31 -8.58 -4.60
C ILE B 4 -9.63 -9.26 -4.94
N GLY B 5 -10.55 -9.34 -3.99
CA GLY B 5 -11.89 -9.79 -4.31
C GLY B 5 -12.00 -11.30 -4.34
N GLU B 6 -10.87 -12.01 -4.25
CA GLU B 6 -10.89 -13.44 -3.97
C GLU B 6 -11.24 -13.67 -2.53
N LYS B 7 -11.45 -14.92 -2.17
CA LYS B 7 -11.75 -15.30 -0.80
C LYS B 7 -10.47 -15.73 -0.11
N PHE B 8 -10.27 -15.26 1.11
CA PHE B 8 -9.24 -15.80 1.97
C PHE B 8 -9.33 -17.33 2.05
N PRO B 9 -8.21 -18.05 1.76
CA PRO B 9 -8.21 -19.50 1.80
C PRO B 9 -8.57 -19.98 3.20
N GLU B 10 -9.34 -21.07 3.33
CA GLU B 10 -9.62 -21.69 4.65
C GLU B 10 -8.32 -22.28 5.18
N VAL B 11 -7.92 -21.99 6.42
CA VAL B 11 -6.62 -22.44 6.89
C VAL B 11 -6.57 -22.37 8.41
N GLU B 12 -6.00 -23.40 9.07
CA GLU B 12 -5.70 -23.35 10.52
C GLU B 12 -4.28 -22.86 10.71
N VAL B 13 -4.15 -21.86 11.62
CA VAL B 13 -2.87 -21.31 12.02
C VAL B 13 -2.64 -21.39 13.52
N LYS B 14 -1.40 -21.79 13.85
CA LYS B 14 -0.91 -21.74 15.20
C LYS B 14 -0.50 -20.25 15.47
N THR B 15 -1.14 -19.64 16.48
CA THR B 15 -0.82 -18.27 16.91
C THR B 15 -0.44 -18.20 18.36
N THR B 16 0.03 -17.01 18.77
CA THR B 16 0.33 -16.74 20.17
C THR B 16 -0.97 -16.73 21.05
N HIS B 17 -2.14 -16.79 20.44
CA HIS B 17 -3.37 -16.90 21.24
C HIS B 17 -4.11 -18.20 20.98
N GLY B 18 -3.39 -19.17 20.42
CA GLY B 18 -3.89 -20.51 20.20
C GLY B 18 -4.08 -20.81 18.72
N VAL B 19 -4.71 -21.95 18.43
CA VAL B 19 -4.98 -22.34 17.05
C VAL B 19 -6.30 -21.70 16.66
N ILE B 20 -6.33 -21.05 15.51
CA ILE B 20 -7.59 -20.54 14.98
C ILE B 20 -7.63 -20.84 13.52
N LYS B 21 -8.85 -20.79 12.98
CA LYS B 21 -9.10 -20.97 11.57
C LYS B 21 -9.44 -19.63 10.96
N LEU B 22 -8.79 -19.33 9.83
CA LEU B 22 -9.05 -18.10 9.06
C LEU B 22 -9.75 -18.46 7.77
N PRO B 23 -10.65 -17.61 7.27
CA PRO B 23 -11.14 -16.36 7.86
C PRO B 23 -12.07 -16.51 9.06
N ASP B 24 -12.60 -17.71 9.26
CA ASP B 24 -13.78 -17.99 10.14
C ASP B 24 -13.81 -17.36 11.49
N TYR B 25 -12.83 -17.69 12.31
CA TYR B 25 -12.74 -17.13 13.65
C TYR B 25 -13.05 -15.64 13.76
N PHE B 26 -12.62 -14.82 12.79
CA PHE B 26 -13.03 -13.40 12.71
C PHE B 26 -14.38 -13.21 12.02
N ALA B 27 -14.60 -13.94 10.92
CA ALA B 27 -15.80 -13.76 10.13
C ALA B 27 -17.06 -14.22 10.91
N GLU B 28 -16.98 -15.40 11.52
CA GLU B 28 -18.03 -15.94 12.38
C GLU B 28 -18.54 -14.88 13.36
N GLN B 29 -17.67 -13.95 13.78
CA GLN B 29 -18.02 -12.87 14.75
C GLN B 29 -18.40 -11.54 14.08
N GLY B 30 -18.50 -11.55 12.76
CA GLY B 30 -18.59 -10.32 12.01
C GLY B 30 -17.44 -9.36 12.10
N LYS B 31 -16.32 -9.78 12.66
CA LYS B 31 -15.15 -8.89 12.67
C LYS B 31 -14.41 -8.98 11.35
N TRP B 32 -13.93 -7.87 10.84
CA TRP B 32 -12.94 -7.91 9.73
C TRP B 32 -11.56 -8.22 10.33
N PHE B 33 -10.55 -8.43 9.47
CA PHE B 33 -9.16 -8.46 9.97
C PHE B 33 -8.06 -7.87 9.02
N VAL B 34 -7.02 -7.33 9.62
CA VAL B 34 -5.85 -6.88 8.87
C VAL B 34 -4.69 -7.78 9.20
N LEU B 35 -4.29 -8.63 8.25
CA LEU B 35 -3.12 -9.50 8.37
C LEU B 35 -1.84 -8.83 7.84
N PHE B 36 -0.82 -8.79 8.68
CA PHE B 36 0.44 -8.20 8.25
C PHE B 36 1.56 -9.15 8.63
N SER B 37 2.44 -9.31 7.67
CA SER B 37 3.63 -10.09 7.86
C SER B 37 4.80 -9.13 8.03
N HIS B 38 5.80 -9.65 8.72
CA HIS B 38 7.11 -9.01 8.89
C HIS B 38 8.12 -10.19 8.81
N PRO B 39 9.41 -9.83 8.51
CA PRO B 39 10.48 -10.76 8.21
C PRO B 39 10.87 -11.67 9.35
N ALA B 40 11.05 -11.14 10.56
CA ALA B 40 11.49 -11.97 11.71
C ALA B 40 11.38 -11.30 13.04
N ASP B 41 11.37 -12.13 14.09
CA ASP B 41 11.37 -11.58 15.41
C ASP B 41 12.74 -11.01 15.76
N PHE B 42 12.75 -10.13 16.77
CA PHE B 42 13.97 -9.47 17.16
C PHE B 42 14.62 -8.80 15.97
N THR B 43 13.83 -8.24 15.05
CA THR B 43 14.41 -7.35 14.10
C THR B 43 13.81 -5.97 14.27
N PRO B 44 14.57 -4.93 13.88
CA PRO B 44 14.27 -3.56 14.29
C PRO B 44 13.08 -2.83 13.67
N VAL B 45 12.93 -2.83 12.34
CA VAL B 45 11.86 -2.06 11.70
C VAL B 45 10.54 -2.62 12.18
N SER B 46 10.53 -3.93 12.41
CA SER B 46 9.36 -4.74 12.78
C SER B 46 8.94 -4.28 14.14
N THR B 47 9.96 -4.09 15.01
CA THR B 47 9.75 -3.71 16.39
C THR B 47 9.01 -2.39 16.37
N THR B 48 9.52 -1.47 15.55
CA THR B 48 8.85 -0.20 15.51
C THR B 48 7.40 -0.35 15.02
N GLU B 49 7.16 -1.31 14.13
CA GLU B 49 5.86 -1.44 13.48
C GLU B 49 4.77 -2.12 14.38
N PHE B 50 5.23 -3.04 15.22
CA PHE B 50 4.47 -3.65 16.30
C PHE B 50 4.07 -2.69 17.41
N TYR B 51 5.07 -2.04 18.01
CA TYR B 51 4.80 -0.92 18.92
C TYR B 51 3.70 0.00 18.33
N ALA B 52 3.95 0.52 17.13
CA ALA B 52 2.96 1.40 16.48
C ALA B 52 1.53 0.79 16.29
N MET B 53 1.49 -0.52 16.12
CA MET B 53 0.25 -1.21 15.85
C MET B 53 -0.54 -1.36 17.15
N GLN B 54 0.16 -1.78 18.21
CA GLN B 54 -0.41 -1.86 19.53
C GLN B 54 -1.00 -0.51 20.00
N LYS B 55 -0.21 0.54 19.83
CA LYS B 55 -0.67 1.90 20.13
C LYS B 55 -1.92 2.22 19.26
N ARG B 56 -2.20 1.42 18.23
CA ARG B 56 -3.36 1.69 17.40
C ARG B 56 -4.47 0.60 17.50
N VAL B 57 -4.26 -0.41 18.35
CA VAL B 57 -5.12 -1.59 18.32
C VAL B 57 -6.61 -1.22 18.50
N ASP B 58 -6.90 -0.27 19.39
CA ASP B 58 -8.31 0.05 19.71
C ASP B 58 -8.98 0.87 18.63
N GLN B 59 -8.18 1.65 17.91
CA GLN B 59 -8.66 2.41 16.77
C GLN B 59 -9.10 1.45 15.66
N PHE B 60 -8.51 0.26 15.64
CA PHE B 60 -8.96 -0.80 14.74
C PHE B 60 -10.13 -1.53 15.36
N ARG B 61 -10.01 -1.80 16.65
CA ARG B 61 -10.96 -2.68 17.29
C ARG B 61 -12.34 -1.99 17.38
N GLU B 62 -12.37 -0.69 17.70
CA GLU B 62 -13.60 0.15 17.68
C GLU B 62 -14.43 0.03 16.38
N LEU B 63 -13.72 -0.19 15.28
CA LEU B 63 -14.31 -0.39 13.95
C LEU B 63 -14.76 -1.84 13.66
N GLY B 64 -14.50 -2.77 14.58
CA GLY B 64 -14.68 -4.18 14.31
C GLY B 64 -13.62 -4.76 13.37
N VAL B 65 -12.40 -4.19 13.40
CA VAL B 65 -11.25 -4.72 12.61
C VAL B 65 -10.24 -5.29 13.58
N GLU B 66 -9.85 -6.55 13.45
CA GLU B 66 -8.84 -7.12 14.38
C GLU B 66 -7.41 -7.19 13.75
N PRO B 67 -6.42 -6.62 14.43
CA PRO B 67 -5.09 -6.85 13.78
C PRO B 67 -4.50 -8.24 14.05
N ILE B 68 -3.70 -8.77 13.13
CA ILE B 68 -3.05 -10.09 13.36
C ILE B 68 -1.79 -10.23 12.48
N GLY B 69 -0.66 -10.49 13.12
CA GLY B 69 0.62 -10.44 12.40
C GLY B 69 1.08 -11.83 12.00
N LEU B 70 2.23 -11.89 11.34
CA LEU B 70 2.79 -13.14 10.88
C LEU B 70 4.28 -12.97 10.65
N SER B 71 5.00 -13.99 11.08
CA SER B 71 6.34 -14.25 10.61
C SER B 71 6.60 -15.74 10.66
N VAL B 72 7.66 -16.16 9.98
CA VAL B 72 8.01 -17.61 9.94
C VAL B 72 8.64 -18.18 11.19
N ASP B 73 8.86 -17.38 12.22
CA ASP B 73 9.32 -17.91 13.48
C ASP B 73 8.24 -18.69 14.21
N GLN B 74 8.74 -19.33 15.27
CA GLN B 74 7.98 -20.17 16.16
C GLN B 74 7.48 -19.35 17.31
N VAL B 75 6.42 -19.86 17.96
CA VAL B 75 5.62 -19.15 18.91
C VAL B 75 6.47 -18.84 20.14
N PHE B 76 7.40 -19.70 20.47
CA PHE B 76 8.30 -19.34 21.57
C PHE B 76 9.09 -18.06 21.29
N SER B 77 9.45 -17.76 20.03
CA SER B 77 10.20 -16.53 19.82
C SER B 77 9.26 -15.34 19.78
N HIS B 78 8.12 -15.55 19.14
CA HIS B 78 7.12 -14.49 19.08
C HIS B 78 6.89 -13.89 20.48
N ILE B 79 6.61 -14.78 21.47
CA ILE B 79 6.19 -14.33 22.79
C ILE B 79 7.33 -13.65 23.53
N LYS B 80 8.53 -14.16 23.33
CA LYS B 80 9.69 -13.56 23.95
C LYS B 80 9.98 -12.22 23.31
N TRP B 81 9.91 -12.14 22.00
CA TRP B 81 10.01 -10.83 21.35
C TRP B 81 8.92 -9.85 21.82
N MET B 82 7.70 -10.38 22.06
CA MET B 82 6.59 -9.56 22.59
C MET B 82 6.89 -9.05 23.95
N GLU B 83 7.43 -9.93 24.77
CA GLU B 83 7.87 -9.54 26.08
C GLU B 83 9.03 -8.49 26.01
N TRP B 84 9.91 -8.56 25.00
CA TRP B 84 10.97 -7.54 24.89
C TRP B 84 10.32 -6.18 24.62
N ILE B 85 9.32 -6.15 23.76
CA ILE B 85 8.58 -4.90 23.53
C ILE B 85 7.92 -4.36 24.82
N LYS B 86 7.44 -5.26 25.68
CA LYS B 86 6.72 -4.83 26.87
C LYS B 86 7.74 -4.26 27.83
N GLU B 87 8.79 -5.01 28.10
CA GLU B 87 9.83 -4.60 29.02
C GLU B 87 10.61 -3.35 28.59
N ASN B 88 10.87 -3.20 27.27
CA ASN B 88 11.70 -2.10 26.83
C ASN B 88 11.01 -0.87 26.28
N LEU B 89 9.78 -1.03 25.81
CA LEU B 89 9.09 0.11 25.24
C LEU B 89 7.76 0.34 25.93
N GLY B 90 7.48 -0.44 26.95
CA GLY B 90 6.26 -0.30 27.78
C GLY B 90 4.94 -0.40 27.06
N GLU B 91 4.87 -1.23 26.02
CA GLU B 91 3.62 -1.63 25.38
C GLU B 91 3.49 -3.18 25.39
N GLU B 92 2.45 -3.69 26.08
CA GLU B 92 2.08 -5.12 25.92
C GLU B 92 1.42 -5.25 24.56
N ILE B 93 1.64 -6.36 23.85
CA ILE B 93 1.09 -6.56 22.52
C ILE B 93 -0.12 -7.44 22.70
N THR B 94 -1.28 -7.04 22.18
CA THR B 94 -2.54 -7.70 22.58
C THR B 94 -3.30 -8.22 21.38
N PHE B 95 -2.61 -8.19 20.20
CA PHE B 95 -3.14 -8.85 18.99
C PHE B 95 -2.43 -10.21 18.75
N PRO B 96 -3.10 -11.15 18.08
CA PRO B 96 -2.32 -12.38 18.04
C PRO B 96 -1.29 -12.35 16.92
N VAL B 97 -0.28 -13.22 17.01
CA VAL B 97 0.71 -13.40 15.94
C VAL B 97 0.90 -14.87 15.45
N ILE B 98 0.66 -15.09 14.16
CA ILE B 98 0.91 -16.37 13.49
C ILE B 98 2.39 -16.77 13.32
N ALA B 99 2.66 -17.96 13.84
CA ALA B 99 3.87 -18.69 13.65
C ALA B 99 3.67 -19.51 12.40
N ASP B 100 3.85 -18.92 11.24
CA ASP B 100 3.64 -19.66 10.01
C ASP B 100 4.84 -20.57 9.65
N ASP B 101 4.82 -21.83 10.11
CA ASP B 101 5.93 -22.79 9.84
C ASP B 101 6.18 -23.02 8.36
N ARG B 102 7.47 -23.05 8.00
CA ARG B 102 7.90 -23.28 6.61
C ARG B 102 7.31 -22.31 5.61
N GLY B 103 6.90 -21.14 6.05
CA GLY B 103 6.32 -20.15 5.16
C GLY B 103 5.06 -20.54 4.41
N GLU B 104 4.34 -21.52 4.93
CA GLU B 104 3.17 -22.11 4.27
C GLU B 104 2.07 -21.12 3.83
N LEU B 105 1.49 -20.40 4.79
CA LEU B 105 0.45 -19.42 4.46
C LEU B 105 1.02 -18.27 3.64
N ALA B 106 2.20 -17.83 4.06
CA ALA B 106 3.07 -16.88 3.34
C ALA B 106 3.12 -17.12 1.86
N ASP B 107 3.41 -18.35 1.51
CA ASP B 107 3.40 -18.79 0.10
C ASP B 107 2.11 -18.70 -0.66
N LYS B 108 0.99 -19.27 -0.11
CA LYS B 108 -0.33 -19.13 -0.70
C LYS B 108 -0.64 -17.66 -1.02
N LEU B 109 -0.25 -16.77 -0.10
CA LEU B 109 -0.57 -15.35 -0.30
C LEU B 109 0.56 -14.62 -0.99
N GLY B 110 1.58 -15.32 -1.45
CA GLY B 110 2.69 -14.68 -2.15
C GLY B 110 3.34 -13.52 -1.38
N MET B 111 3.74 -13.80 -0.14
CA MET B 111 4.39 -12.84 0.75
C MET B 111 5.90 -12.86 0.61
N ILE B 112 6.42 -13.79 -0.18
CA ILE B 112 7.83 -14.04 -0.18
C ILE B 112 8.40 -13.43 -1.44
N PRO B 113 9.25 -12.41 -1.27
CA PRO B 113 10.02 -11.74 -2.33
C PRO B 113 10.89 -12.68 -3.16
N SER B 114 11.15 -12.29 -4.40
CA SER B 114 12.19 -12.94 -5.24
C SER B 114 13.40 -13.40 -4.45
N GLY B 115 13.69 -14.71 -4.51
CA GLY B 115 14.84 -15.33 -3.84
C GLY B 115 14.87 -15.46 -2.33
N ALA B 116 13.76 -15.10 -1.67
CA ALA B 116 13.72 -15.14 -0.20
C ALA B 116 13.09 -16.44 0.24
N THR B 117 13.27 -16.80 1.51
CA THR B 117 12.45 -17.86 2.12
C THR B 117 11.56 -17.40 3.29
N ILE B 118 11.78 -16.15 3.74
CA ILE B 118 11.01 -15.54 4.83
C ILE B 118 10.17 -14.37 4.25
N THR B 119 9.17 -13.87 4.99
CA THR B 119 8.28 -12.86 4.41
C THR B 119 8.92 -11.50 4.40
N ALA B 120 8.41 -10.61 3.58
CA ALA B 120 8.68 -9.20 3.78
C ALA B 120 7.48 -8.57 4.57
N ARG B 121 6.90 -7.50 4.06
CA ARG B 121 5.98 -6.69 4.84
C ARG B 121 4.72 -6.46 4.04
N ALA B 122 3.82 -7.42 4.26
CA ALA B 122 2.58 -7.48 3.55
C ALA B 122 1.42 -7.18 4.47
N VAL B 123 0.44 -6.52 3.88
CA VAL B 123 -0.81 -6.27 4.55
C VAL B 123 -1.95 -6.76 3.68
N PHE B 124 -2.92 -7.47 4.30
CA PHE B 124 -4.15 -7.98 3.69
C PHE B 124 -5.39 -7.54 4.46
N ILE B 125 -6.31 -6.90 3.77
CA ILE B 125 -7.48 -6.44 4.46
C ILE B 125 -8.54 -7.45 4.06
N VAL B 126 -9.13 -8.08 5.06
CA VAL B 126 -10.11 -9.13 4.80
C VAL B 126 -11.40 -8.76 5.53
N ASP B 127 -12.50 -8.63 4.81
CA ASP B 127 -13.78 -8.25 5.46
C ASP B 127 -14.46 -9.39 6.22
N ASP B 128 -15.72 -9.21 6.60
CA ASP B 128 -16.44 -10.25 7.40
C ASP B 128 -17.01 -11.37 6.56
N LYS B 129 -17.14 -11.13 5.26
CA LYS B 129 -17.44 -12.19 4.30
C LYS B 129 -16.22 -13.08 3.99
N GLY B 130 -15.03 -12.69 4.49
CA GLY B 130 -13.80 -13.41 4.12
C GLY B 130 -13.22 -12.94 2.78
N ILE B 131 -13.60 -11.76 2.29
CA ILE B 131 -13.13 -11.28 1.00
C ILE B 131 -11.89 -10.36 1.17
N ILE B 132 -10.84 -10.63 0.37
CA ILE B 132 -9.65 -9.77 0.34
C ILE B 132 -10.06 -8.47 -0.30
N ARG B 133 -9.98 -7.41 0.50
CA ARG B 133 -10.39 -6.08 0.00
C ARG B 133 -9.23 -5.18 -0.56
N ALA B 134 -7.97 -5.44 -0.17
CA ALA B 134 -6.85 -4.61 -0.58
C ALA B 134 -5.68 -5.36 -0.02
N ILE B 135 -4.52 -5.13 -0.64
CA ILE B 135 -3.28 -5.86 -0.36
C ILE B 135 -2.15 -4.90 -0.51
N VAL B 136 -1.21 -4.94 0.43
CA VAL B 136 0.05 -4.17 0.32
C VAL B 136 1.24 -5.09 0.44
N TYR B 137 2.26 -4.86 -0.41
CA TYR B 137 3.56 -5.52 -0.28
C TYR B 137 4.72 -4.52 -0.27
N TYR B 138 5.12 -4.19 0.96
CA TYR B 138 6.34 -3.50 1.34
C TYR B 138 7.48 -4.45 1.65
N PRO B 139 8.72 -4.07 1.17
CA PRO B 139 9.97 -4.79 1.33
C PRO B 139 10.49 -4.66 2.74
N ALA B 140 11.42 -5.50 3.14
CA ALA B 140 11.97 -5.46 4.48
C ALA B 140 12.53 -4.10 4.87
N GLU B 141 13.14 -3.40 3.90
CA GLU B 141 13.90 -2.15 4.20
C GLU B 141 13.02 -0.93 4.45
N VAL B 142 11.75 -0.98 4.05
CA VAL B 142 10.83 0.12 4.41
C VAL B 142 9.63 -0.31 5.30
N GLY B 143 9.56 0.31 6.47
CA GLY B 143 8.42 0.15 7.37
C GLY B 143 7.20 0.88 6.89
N ARG B 144 6.04 0.42 7.37
CA ARG B 144 4.73 0.76 6.83
C ARG B 144 4.23 2.03 7.53
N ASP B 145 3.28 2.78 6.99
CA ASP B 145 2.61 3.69 7.87
C ASP B 145 1.19 3.12 8.29
N TRP B 146 1.09 2.53 9.48
CA TRP B 146 -0.27 2.08 9.93
C TRP B 146 -1.41 3.08 9.80
N ASP B 147 -1.10 4.39 9.81
CA ASP B 147 -2.17 5.40 9.66
C ASP B 147 -2.84 5.33 8.25
N GLU B 148 -2.09 4.95 7.22
CA GLU B 148 -2.76 4.76 5.91
C GLU B 148 -3.74 3.54 5.91
N ILE B 149 -3.43 2.57 6.73
CA ILE B 149 -4.23 1.36 6.75
C ILE B 149 -5.52 1.64 7.53
N LEU B 150 -5.38 2.40 8.59
CA LEU B 150 -6.53 2.85 9.36
C LEU B 150 -7.42 3.67 8.47
N ARG B 151 -6.80 4.61 7.71
CA ARG B 151 -7.50 5.42 6.70
C ARG B 151 -8.27 4.51 5.77
N LEU B 152 -7.58 3.47 5.30
CA LEU B 152 -8.10 2.59 4.27
C LEU B 152 -9.26 1.71 4.80
N VAL B 153 -9.10 1.06 5.93
CA VAL B 153 -10.21 0.25 6.48
C VAL B 153 -11.44 1.13 6.73
N LYS B 154 -11.14 2.35 7.19
CA LYS B 154 -12.14 3.34 7.45
C LYS B 154 -12.78 3.72 6.13
N ALA B 155 -12.02 3.89 5.06
CA ALA B 155 -12.70 4.21 3.81
C ALA B 155 -13.59 3.04 3.36
N LEU B 156 -13.10 1.80 3.55
CA LEU B 156 -13.79 0.63 3.06
C LEU B 156 -15.09 0.37 3.86
N LYS B 157 -15.08 0.55 5.18
CA LYS B 157 -16.28 0.31 5.94
C LYS B 157 -17.32 1.31 5.42
N VAL B 158 -16.92 2.55 5.19
CA VAL B 158 -17.86 3.62 4.77
C VAL B 158 -18.40 3.35 3.36
N SER B 159 -17.53 2.96 2.42
CA SER B 159 -18.01 2.51 1.09
C SER B 159 -19.15 1.46 1.15
N ASP B 160 -18.93 0.44 1.96
CA ASP B 160 -19.86 -0.68 2.16
C ASP B 160 -21.19 -0.19 2.78
N GLU B 161 -21.10 0.65 3.79
CA GLU B 161 -22.23 1.10 4.58
C GLU B 161 -23.14 2.08 3.85
N LYS B 162 -22.52 2.99 3.11
CA LYS B 162 -23.25 4.08 2.45
C LYS B 162 -23.39 3.96 0.98
N GLY B 163 -23.16 2.78 0.43
CA GLY B 163 -22.99 2.63 -1.01
C GLY B 163 -22.09 3.64 -1.81
N VAL B 164 -20.96 4.12 -1.26
CA VAL B 164 -20.17 5.13 -2.01
C VAL B 164 -18.73 4.80 -2.36
N ALA B 165 -18.08 5.68 -3.13
CA ALA B 165 -16.59 5.66 -3.35
C ALA B 165 -15.92 6.83 -2.59
N LEU B 166 -14.62 6.69 -2.30
CA LEU B 166 -13.90 7.68 -1.50
C LEU B 166 -12.70 8.30 -2.32
N PRO B 167 -12.57 9.64 -2.28
CA PRO B 167 -11.55 10.28 -3.13
C PRO B 167 -10.13 10.19 -2.60
N HIS B 168 -9.20 10.62 -3.47
CA HIS B 168 -7.80 10.63 -3.15
C HIS B 168 -7.65 11.21 -1.79
N LYS B 169 -7.05 10.49 -0.89
CA LYS B 169 -6.69 11.03 0.43
C LYS B 169 -7.84 11.33 1.39
N TRP B 170 -9.08 10.94 1.03
CA TRP B 170 -10.21 11.02 2.00
C TRP B 170 -9.80 10.56 3.38
N PRO B 171 -10.19 11.25 4.47
CA PRO B 171 -11.21 12.32 4.63
C PRO B 171 -10.66 13.71 4.42
N ASN B 172 -9.46 13.82 3.88
CA ASN B 172 -8.86 15.12 3.64
C ASN B 172 -8.56 15.25 2.18
N ASN B 173 -9.57 15.17 1.34
CA ASN B 173 -9.32 15.29 -0.06
C ASN B 173 -9.07 16.75 -0.52
N GLU B 174 -8.09 16.97 -1.39
CA GLU B 174 -7.78 18.32 -1.89
C GLU B 174 -8.98 19.10 -2.52
N LEU B 175 -9.94 18.37 -3.08
CA LEU B 175 -11.08 18.98 -3.75
C LEU B 175 -12.34 18.97 -2.90
N ILE B 176 -12.59 17.93 -2.13
CA ILE B 176 -13.89 17.80 -1.44
C ILE B 176 -13.78 17.31 -0.01
N GLY B 177 -12.59 17.44 0.57
CA GLY B 177 -12.35 17.05 1.95
C GLY B 177 -12.90 15.69 2.34
N ASP B 178 -13.96 15.67 3.16
CA ASP B 178 -14.50 14.41 3.67
C ASP B 178 -15.81 14.04 3.03
N LYS B 179 -16.11 14.65 1.89
CA LYS B 179 -17.25 14.24 1.09
C LYS B 179 -16.98 12.93 0.38
N ALA B 180 -18.04 12.11 0.28
CA ALA B 180 -18.09 10.82 -0.44
C ALA B 180 -18.51 11.01 -1.88
N ILE B 181 -17.97 10.17 -2.78
CA ILE B 181 -18.33 10.20 -4.19
C ILE B 181 -19.41 9.17 -4.49
N VAL B 182 -20.30 9.56 -5.38
CA VAL B 182 -21.33 8.70 -5.91
C VAL B 182 -20.80 7.92 -7.14
N PRO B 183 -21.05 6.59 -7.16
CA PRO B 183 -20.64 5.73 -8.28
C PRO B 183 -20.99 6.43 -9.57
N PRO B 184 -19.99 6.69 -10.44
CA PRO B 184 -20.38 7.30 -11.71
C PRO B 184 -21.60 6.58 -12.38
N ALA B 185 -22.48 7.38 -12.99
CA ALA B 185 -23.51 6.92 -13.91
C ALA B 185 -22.88 6.20 -15.10
N SER B 186 -23.52 5.12 -15.53
CA SER B 186 -22.93 4.24 -16.53
C SER B 186 -23.93 3.90 -17.62
N THR B 187 -25.12 4.53 -17.54
CA THR B 187 -26.19 4.38 -18.53
C THR B 187 -26.75 5.75 -18.74
N VAL B 188 -27.47 5.96 -19.82
CA VAL B 188 -28.10 7.27 -20.08
C VAL B 188 -29.18 7.58 -19.04
N ASP B 189 -29.84 6.53 -18.54
CA ASP B 189 -30.84 6.66 -17.50
C ASP B 189 -30.20 7.23 -16.22
N GLU B 190 -29.09 6.62 -15.80
CA GLU B 190 -28.43 7.05 -14.57
C GLU B 190 -27.91 8.47 -14.70
N VAL B 191 -27.58 8.93 -15.91
CA VAL B 191 -27.23 10.34 -16.10
C VAL B 191 -28.42 11.24 -15.80
N LYS B 192 -29.59 10.88 -16.35
CA LYS B 192 -30.87 11.55 -16.02
C LYS B 192 -31.07 11.67 -14.53
N GLN B 193 -30.84 10.55 -13.83
CA GLN B 193 -30.99 10.48 -12.37
C GLN B 193 -29.93 11.24 -11.51
N ARG B 194 -28.79 11.59 -12.11
CA ARG B 194 -27.80 12.49 -11.50
C ARG B 194 -28.26 13.94 -11.63
N GLU B 195 -28.72 14.29 -12.83
CA GLU B 195 -29.14 15.66 -13.14
C GLU B 195 -30.37 16.05 -12.30
N GLU B 196 -31.30 15.11 -12.16
CA GLU B 196 -32.44 15.30 -11.26
C GLU B 196 -31.88 15.63 -9.90
N ALA B 197 -31.09 14.70 -9.34
CA ALA B 197 -30.52 14.84 -8.00
C ALA B 197 -29.78 16.16 -7.74
N LYS B 198 -29.06 16.69 -8.75
CA LYS B 198 -28.22 17.89 -8.56
C LYS B 198 -29.09 19.10 -8.37
N ALA B 199 -29.75 19.53 -9.44
CA ALA B 199 -30.78 20.55 -9.37
C ALA B 199 -32.01 19.87 -8.67
N LYS B 200 -32.13 20.11 -7.35
CA LYS B 200 -32.81 19.23 -6.36
C LYS B 200 -32.00 19.09 -5.06
N GLY B 201 -30.72 19.49 -5.13
CA GLY B 201 -29.85 19.74 -3.97
C GLY B 201 -29.39 18.53 -3.21
N GLU B 202 -29.56 17.32 -3.77
CA GLU B 202 -29.23 16.03 -3.10
C GLU B 202 -27.78 15.61 -3.21
N ILE B 203 -27.10 16.17 -4.22
CA ILE B 203 -25.69 15.92 -4.50
C ILE B 203 -25.10 17.17 -5.15
N GLU B 204 -23.81 17.34 -4.98
CA GLU B 204 -23.12 18.36 -5.71
C GLU B 204 -22.42 17.62 -6.86
N SER B 205 -22.01 18.34 -7.88
CA SER B 205 -21.31 17.65 -8.95
C SER B 205 -20.36 18.57 -9.68
N TYR B 206 -19.28 18.01 -10.24
CA TYR B 206 -18.49 18.74 -11.23
C TYR B 206 -19.04 18.47 -12.62
N ASP B 207 -19.59 17.28 -12.81
CA ASP B 207 -20.08 16.80 -14.13
C ASP B 207 -21.05 15.63 -13.85
N TRP B 208 -21.78 15.10 -14.82
CA TRP B 208 -22.68 13.95 -14.50
C TRP B 208 -21.93 12.71 -13.95
N TRP B 209 -20.65 12.55 -14.36
CA TRP B 209 -19.89 11.40 -13.93
C TRP B 209 -19.10 11.65 -12.67
N PHE B 210 -19.12 12.90 -12.21
CA PHE B 210 -18.39 13.34 -11.00
C PHE B 210 -19.34 14.05 -9.98
N SER B 211 -20.05 13.27 -9.20
CA SER B 211 -21.04 13.77 -8.28
C SER B 211 -20.58 13.37 -6.91
N TYR B 212 -20.79 14.23 -5.92
CA TYR B 212 -20.36 13.87 -4.57
C TYR B 212 -21.36 14.38 -3.53
N LYS B 213 -21.21 13.97 -2.29
CA LYS B 213 -22.05 14.52 -1.22
C LYS B 213 -21.42 14.41 0.19
N LYS B 214 -21.79 15.33 1.07
CA LYS B 214 -21.56 15.19 2.51
C LYS B 214 -22.28 13.90 2.98
N LEU B 215 -21.73 13.17 3.94
CA LEU B 215 -22.44 11.96 4.44
C LEU B 215 -23.65 12.29 5.33
#